data_9KLB
#
_entry.id   9KLB
#
_cell.length_a   56.703
_cell.length_b   78.341
_cell.length_c   70.754
_cell.angle_alpha   90.00
_cell.angle_beta   91.71
_cell.angle_gamma   90.00
#
_symmetry.space_group_name_H-M   'P 1 21 1'
#
loop_
_entity.id
_entity.type
_entity.pdbx_description
1 polymer 'Histone-lysine N-methyltransferase EHMT2'
2 non-polymer 'ZINC ION'
3 non-polymer SINEFUNGIN
4 non-polymer ~{N}-[(~{E},2~{S})-4-cyclopropyl-1-[(6-ethoxypyridin-3-yl)amino]-1-oxidanylidene-but-3-en-2-yl]-4-(pyridin-4-ylamino)benzamide
5 water water
#
_entity_poly.entity_id   1
_entity_poly.type   'polypeptide(L)'
_entity_poly.pdbx_seq_one_letter_code
;GSNRAIRTEKIICRDVARGYENVPIPCVNGVDGEPCPEDYKYISENCETSTMNIDRNITHLQHCTCVDDCSSSNCLCGQL
SIRCWYDKDGRLLQEFNKIEPPLIFECNQACSCWRNCKNRVVQSGIKVRLQLYRTAKMGWGVRALQTIPQGTFICEYVGE
LISDAEADVREDDSYLFDLDNKDGEVYCIDARYYGNISRFINHLCDPNIIPVRVFMLHQDLRFPRIAFFSSRDIRTGEEL
GFDYGDRFWDIKSKYFTCQCGSEKCKHSAEAIALEQSRLARLD
;
_entity_poly.pdbx_strand_id   A,B
#
loop_
_chem_comp.id
_chem_comp.type
_chem_comp.name
_chem_comp.formula
A1L57 non-polymer ~{N}-[(~{E},2~{S})-4-cyclopropyl-1-[(6-ethoxypyridin-3-yl)amino]-1-oxidanylidene-but-3-en-2-yl]-4-(pyridin-4-ylamino)benzamide 'C26 H27 N5 O3'
SFG non-polymer SINEFUNGIN 'C15 H23 N7 O5'
ZN non-polymer 'ZINC ION' 'Zn 2'
#
# COMPACT_ATOMS: atom_id res chain seq x y z
N THR A 8 -23.04 -25.70 21.68
CA THR A 8 -22.94 -25.61 20.22
C THR A 8 -22.02 -24.45 19.78
N GLU A 9 -21.24 -24.69 18.72
CA GLU A 9 -20.33 -23.67 18.20
C GLU A 9 -21.06 -22.82 17.17
N LYS A 10 -21.11 -21.51 17.42
CA LYS A 10 -21.75 -20.57 16.53
C LYS A 10 -20.70 -19.75 15.81
N ILE A 11 -20.90 -19.55 14.50
CA ILE A 11 -20.09 -18.59 13.75
C ILE A 11 -20.70 -17.21 13.96
N ILE A 12 -19.93 -16.29 14.55
CA ILE A 12 -20.48 -14.98 14.86
C ILE A 12 -19.88 -13.89 14.01
N CYS A 13 -18.91 -14.21 13.16
CA CYS A 13 -18.42 -13.24 12.19
C CYS A 13 -17.73 -14.02 11.08
N ARG A 14 -18.06 -13.69 9.82
CA ARG A 14 -17.39 -14.33 8.70
C ARG A 14 -15.95 -13.83 8.56
N ASP A 15 -15.68 -12.57 8.89
CA ASP A 15 -14.33 -12.05 8.71
C ASP A 15 -14.15 -10.85 9.63
N VAL A 16 -13.37 -11.01 10.70
CA VAL A 16 -13.21 -9.87 11.59
C VAL A 16 -12.36 -8.78 10.95
N ALA A 17 -11.62 -9.11 9.90
CA ALA A 17 -10.80 -8.13 9.19
C ALA A 17 -11.57 -7.37 8.11
N ARG A 18 -12.85 -7.70 7.87
CA ARG A 18 -13.69 -6.94 6.94
C ARG A 18 -13.07 -6.87 5.53
N GLY A 19 -12.40 -7.95 5.12
CA GLY A 19 -11.80 -8.02 3.78
C GLY A 19 -10.44 -7.37 3.63
N TYR A 20 -9.82 -6.89 4.71
CA TYR A 20 -8.54 -6.21 4.59
C TYR A 20 -7.33 -7.15 4.51
N GLU A 21 -7.46 -8.42 4.89
CA GLU A 21 -6.33 -9.34 4.83
C GLU A 21 -6.46 -10.22 3.59
N ASN A 22 -5.40 -10.97 3.29
CA ASN A 22 -5.42 -11.82 2.09
C ASN A 22 -6.47 -12.90 2.19
N VAL A 23 -6.82 -13.28 3.43
CA VAL A 23 -7.77 -14.36 3.71
C VAL A 23 -8.76 -13.83 4.73
N PRO A 24 -9.97 -14.40 4.78
CA PRO A 24 -10.90 -14.05 5.86
C PRO A 24 -10.44 -14.66 7.17
N ILE A 25 -10.84 -14.03 8.27
CA ILE A 25 -10.51 -14.51 9.61
C ILE A 25 -11.82 -14.61 10.39
N PRO A 26 -12.47 -15.77 10.37
CA PRO A 26 -13.77 -15.89 11.02
C PRO A 26 -13.63 -15.93 12.52
N CYS A 27 -14.77 -15.72 13.20
CA CYS A 27 -14.85 -15.77 14.65
C CYS A 27 -15.95 -16.75 15.04
N VAL A 28 -15.69 -17.63 16.01
CA VAL A 28 -16.68 -18.59 16.50
C VAL A 28 -16.70 -18.58 18.02
N ASN A 29 -17.82 -19.04 18.57
CA ASN A 29 -17.91 -19.14 20.01
C ASN A 29 -18.74 -20.37 20.33
N GLY A 30 -18.11 -21.37 20.95
CA GLY A 30 -18.81 -22.54 21.44
C GLY A 30 -18.69 -22.70 22.94
N VAL A 31 -18.45 -21.60 23.66
CA VAL A 31 -18.16 -21.62 25.08
C VAL A 31 -19.20 -20.86 25.90
N ASP A 32 -19.51 -19.62 25.51
CA ASP A 32 -20.40 -18.78 26.31
C ASP A 32 -21.21 -17.90 25.37
N GLY A 33 -21.91 -16.91 25.94
CA GLY A 33 -22.76 -15.99 25.18
C GLY A 33 -22.10 -14.74 24.64
N GLU A 34 -20.78 -14.61 24.73
CA GLU A 34 -20.12 -13.39 24.30
C GLU A 34 -20.22 -13.23 22.78
N PRO A 35 -20.71 -12.09 22.29
CA PRO A 35 -20.78 -11.84 20.85
C PRO A 35 -19.43 -11.36 20.32
N CYS A 36 -19.37 -11.14 19.01
CA CYS A 36 -18.14 -10.73 18.35
C CYS A 36 -17.58 -9.47 19.01
N PRO A 37 -16.30 -9.46 19.37
CA PRO A 37 -15.73 -8.28 20.05
C PRO A 37 -15.73 -7.06 19.13
N GLU A 38 -16.26 -5.95 19.63
CA GLU A 38 -16.41 -4.73 18.84
C GLU A 38 -15.92 -3.49 19.57
N ASP A 39 -15.21 -3.65 20.69
CA ASP A 39 -14.72 -2.52 21.46
CA ASP A 39 -14.71 -2.53 21.48
C ASP A 39 -13.35 -2.03 20.98
N TYR A 40 -13.03 -2.27 19.71
CA TYR A 40 -11.78 -1.84 19.10
C TYR A 40 -12.05 -1.68 17.60
N LYS A 41 -11.10 -1.08 16.89
CA LYS A 41 -11.20 -0.92 15.45
C LYS A 41 -10.16 -1.81 14.77
N TYR A 42 -10.62 -2.71 13.88
CA TYR A 42 -9.68 -3.58 13.17
C TYR A 42 -8.96 -2.77 12.10
N ILE A 43 -7.64 -2.83 12.10
CA ILE A 43 -6.80 -2.23 11.06
C ILE A 43 -5.77 -3.25 10.62
N SER A 44 -5.43 -3.24 9.33
CA SER A 44 -4.47 -4.23 8.84
C SER A 44 -3.02 -3.73 8.87
N GLU A 45 -2.79 -2.43 9.04
CA GLU A 45 -1.45 -1.87 9.11
C GLU A 45 -1.40 -0.86 10.26
N ASN A 46 -0.20 -0.65 10.79
CA ASN A 46 -0.02 0.24 11.93
C ASN A 46 -0.59 1.63 11.64
N CYS A 47 -1.17 2.26 12.65
CA CYS A 47 -1.68 3.61 12.50
C CYS A 47 -0.96 4.56 13.45
N GLU A 48 -1.17 5.85 13.21
CA GLU A 48 -0.67 6.95 14.02
C GLU A 48 -1.85 7.76 14.50
N THR A 49 -1.79 8.20 15.76
CA THR A 49 -2.74 9.15 16.30
C THR A 49 -2.05 10.44 16.72
N SER A 50 -0.79 10.63 16.33
CA SER A 50 -0.03 11.84 16.57
C SER A 50 1.18 11.78 15.65
N THR A 51 1.86 12.91 15.50
CA THR A 51 2.95 13.01 14.53
C THR A 51 4.16 12.20 15.01
N MET A 52 4.50 11.15 14.27
CA MET A 52 5.66 10.32 14.59
C MET A 52 6.90 10.66 13.75
N ASN A 53 6.74 11.33 12.62
CA ASN A 53 7.87 11.76 11.78
C ASN A 53 8.76 10.57 11.40
N ILE A 54 8.12 9.48 10.98
CA ILE A 54 8.86 8.34 10.47
C ILE A 54 9.64 8.77 9.24
N ASP A 55 10.92 8.42 9.17
CA ASP A 55 11.74 8.74 7.99
C ASP A 55 11.30 7.86 6.83
N ARG A 56 10.59 8.44 5.86
CA ARG A 56 10.15 7.72 4.67
C ARG A 56 10.85 8.20 3.41
N ASN A 57 12.02 8.83 3.54
CA ASN A 57 12.75 9.34 2.39
C ASN A 57 13.31 8.19 1.55
N ILE A 58 12.84 8.04 0.31
CA ILE A 58 13.24 6.89 -0.49
C ILE A 58 14.75 6.89 -0.71
N THR A 59 15.39 8.06 -0.68
CA THR A 59 16.83 8.08 -0.88
C THR A 59 17.60 7.65 0.37
N HIS A 60 16.94 7.55 1.53
CA HIS A 60 17.63 7.03 2.70
C HIS A 60 17.62 5.51 2.79
N LEU A 61 16.90 4.83 1.90
CA LEU A 61 16.83 3.38 1.97
C LEU A 61 18.14 2.74 1.52
N GLN A 62 18.63 1.80 2.31
CA GLN A 62 19.61 0.86 1.79
C GLN A 62 18.87 -0.20 0.97
N HIS A 63 19.49 -0.61 -0.13
CA HIS A 63 18.77 -1.44 -1.09
C HIS A 63 19.76 -2.21 -1.94
N CYS A 64 19.27 -3.26 -2.59
CA CYS A 64 20.13 -4.14 -3.36
C CYS A 64 20.07 -3.82 -4.85
N THR A 65 21.10 -4.25 -5.54
CA THR A 65 21.20 -4.10 -6.99
C THR A 65 21.02 -5.44 -7.67
N CYS A 66 20.32 -6.34 -7.00
CA CYS A 66 20.12 -7.71 -7.47
C CYS A 66 19.31 -7.73 -8.76
N VAL A 67 19.87 -8.44 -9.75
CA VAL A 67 19.22 -8.67 -11.02
C VAL A 67 18.65 -10.09 -11.10
N ASP A 68 18.63 -10.82 -9.98
CA ASP A 68 18.01 -12.13 -9.88
C ASP A 68 16.85 -12.11 -8.89
N ASP A 69 16.65 -13.22 -8.17
CA ASP A 69 15.58 -13.30 -7.18
C ASP A 69 16.08 -13.09 -5.76
N CYS A 70 17.26 -12.49 -5.60
CA CYS A 70 17.83 -12.18 -4.28
C CYS A 70 18.08 -13.43 -3.44
N SER A 71 18.48 -14.51 -4.09
CA SER A 71 18.86 -15.70 -3.36
C SER A 71 20.36 -15.89 -3.28
N SER A 72 21.14 -14.95 -3.80
CA SER A 72 22.59 -15.04 -3.71
C SER A 72 23.10 -14.24 -2.50
N SER A 73 24.35 -14.51 -2.13
CA SER A 73 24.97 -13.88 -0.97
C SER A 73 25.46 -12.46 -1.24
N ASN A 74 25.28 -11.95 -2.45
CA ASN A 74 25.61 -10.56 -2.77
C ASN A 74 24.46 -9.60 -2.54
N CYS A 75 23.30 -10.09 -2.14
CA CYS A 75 22.16 -9.22 -1.87
C CYS A 75 22.46 -8.38 -0.63
N LEU A 76 22.56 -7.06 -0.80
CA LEU A 76 22.85 -6.20 0.34
C LEU A 76 21.80 -6.34 1.43
N CYS A 77 20.53 -6.53 1.04
CA CYS A 77 19.45 -6.60 2.04
C CYS A 77 19.59 -7.86 2.89
N GLY A 78 20.00 -8.97 2.28
CA GLY A 78 20.33 -10.15 3.06
C GLY A 78 21.55 -9.94 3.93
N GLN A 79 22.55 -9.20 3.43
CA GLN A 79 23.75 -8.94 4.21
C GLN A 79 23.44 -8.06 5.40
N LEU A 80 22.52 -7.11 5.25
CA LEU A 80 22.10 -6.28 6.37
C LEU A 80 21.44 -7.10 7.46
N SER A 81 20.82 -8.22 7.07
CA SER A 81 20.15 -9.13 7.99
C SER A 81 21.06 -10.27 8.42
N ILE A 82 22.39 -10.11 8.26
CA ILE A 82 23.41 -11.15 8.41
C ILE A 82 23.42 -12.04 7.17
N ARG A 83 22.29 -12.71 6.92
CA ARG A 83 22.03 -13.40 5.67
C ARG A 83 20.53 -13.33 5.45
N CYS A 84 20.07 -13.73 4.27
CA CYS A 84 18.64 -13.94 4.10
C CYS A 84 18.25 -15.19 4.86
N TRP A 85 17.32 -15.07 5.80
CA TRP A 85 16.93 -16.20 6.63
C TRP A 85 15.74 -16.96 6.08
N TYR A 86 15.24 -16.58 4.91
CA TYR A 86 14.09 -17.25 4.30
C TYR A 86 14.56 -18.33 3.34
N ASP A 87 13.99 -19.52 3.46
CA ASP A 87 14.28 -20.58 2.50
C ASP A 87 13.44 -20.37 1.25
N LYS A 88 13.47 -21.33 0.33
CA LYS A 88 12.80 -21.17 -0.96
C LYS A 88 11.29 -21.08 -0.82
N ASP A 89 10.74 -21.60 0.27
CA ASP A 89 9.31 -21.57 0.57
C ASP A 89 8.91 -20.35 1.39
N GLY A 90 9.83 -19.46 1.71
CA GLY A 90 9.51 -18.30 2.51
C GLY A 90 9.49 -18.55 4.01
N ARG A 91 10.13 -19.62 4.49
CA ARG A 91 10.14 -19.94 5.90
C ARG A 91 11.51 -19.64 6.49
N LEU A 92 11.55 -19.28 7.77
CA LEU A 92 12.81 -19.07 8.46
C LEU A 92 13.61 -20.38 8.53
N LEU A 93 14.92 -20.28 8.32
CA LEU A 93 15.79 -21.43 8.39
C LEU A 93 15.80 -22.02 9.81
N GLN A 94 16.11 -23.32 9.89
CA GLN A 94 16.18 -23.96 11.20
C GLN A 94 17.30 -23.38 12.06
N GLU A 95 18.37 -22.87 11.44
CA GLU A 95 19.49 -22.24 12.13
C GLU A 95 19.18 -20.84 12.61
N PHE A 96 17.97 -20.34 12.38
CA PHE A 96 17.62 -18.98 12.79
C PHE A 96 17.59 -18.89 14.31
N ASN A 97 18.20 -17.84 14.85
CA ASN A 97 18.30 -17.67 16.29
C ASN A 97 16.92 -17.31 16.84
N LYS A 98 16.19 -18.33 17.32
CA LYS A 98 14.84 -18.12 17.83
C LYS A 98 14.82 -17.47 19.20
N ILE A 99 15.95 -17.37 19.88
CA ILE A 99 16.03 -16.71 21.17
C ILE A 99 16.40 -15.24 21.03
N GLU A 100 17.42 -14.94 20.23
CA GLU A 100 17.90 -13.57 20.03
C GLU A 100 17.97 -13.27 18.54
N PRO A 101 16.82 -13.09 17.89
CA PRO A 101 16.81 -13.00 16.43
C PRO A 101 17.47 -11.72 15.94
N PRO A 102 18.09 -11.75 14.77
CA PRO A 102 18.62 -10.51 14.19
C PRO A 102 17.48 -9.69 13.60
N LEU A 103 17.79 -8.43 13.30
CA LEU A 103 16.86 -7.60 12.55
C LEU A 103 16.77 -8.14 11.12
N ILE A 104 15.57 -8.17 10.58
CA ILE A 104 15.34 -8.59 9.20
C ILE A 104 15.08 -7.35 8.34
N PHE A 105 15.86 -7.20 7.28
CA PHE A 105 15.63 -6.18 6.26
C PHE A 105 15.12 -6.87 5.00
N GLU A 106 13.84 -6.70 4.71
CA GLU A 106 13.29 -7.21 3.47
C GLU A 106 13.61 -6.23 2.33
N CYS A 107 13.44 -6.71 1.11
CA CYS A 107 13.65 -5.83 -0.03
C CYS A 107 12.52 -4.80 -0.09
N ASN A 108 12.80 -3.68 -0.76
CA ASN A 108 11.93 -2.51 -0.67
C ASN A 108 11.81 -1.87 -2.05
N GLN A 109 11.10 -0.73 -2.10
CA GLN A 109 10.82 -0.06 -3.37
C GLN A 109 12.06 0.51 -4.04
N ALA A 110 13.18 0.61 -3.33
CA ALA A 110 14.41 1.12 -3.96
C ALA A 110 15.27 0.01 -4.56
N CYS A 111 15.02 -1.24 -4.17
CA CYS A 111 15.77 -2.35 -4.75
C CYS A 111 15.46 -2.51 -6.23
N SER A 112 16.43 -3.06 -6.96
CA SER A 112 16.23 -3.32 -8.38
C SER A 112 15.51 -4.64 -8.66
N CYS A 113 15.33 -5.48 -7.64
CA CYS A 113 14.70 -6.79 -7.83
C CYS A 113 13.20 -6.63 -8.09
N TRP A 114 12.58 -7.74 -8.47
CA TRP A 114 11.13 -7.75 -8.68
C TRP A 114 10.39 -7.92 -7.35
N ARG A 115 9.11 -7.54 -7.36
CA ARG A 115 8.26 -7.63 -6.17
C ARG A 115 8.14 -9.06 -5.63
N ASN A 116 8.47 -10.07 -6.42
CA ASN A 116 8.33 -11.46 -5.98
C ASN A 116 9.67 -12.13 -5.67
N CYS A 117 10.70 -11.35 -5.32
CA CYS A 117 11.97 -11.96 -4.96
C CYS A 117 11.82 -12.71 -3.63
N LYS A 118 12.89 -13.40 -3.23
CA LYS A 118 12.82 -14.30 -2.07
C LYS A 118 12.86 -13.57 -0.74
N ASN A 119 13.00 -12.24 -0.73
CA ASN A 119 13.20 -11.50 0.50
C ASN A 119 12.03 -10.56 0.77
N ARG A 120 10.80 -11.07 0.68
CA ARG A 120 9.61 -10.22 0.79
C ARG A 120 8.47 -10.96 1.48
N VAL A 121 8.77 -11.73 2.51
CA VAL A 121 7.77 -12.63 3.09
C VAL A 121 6.73 -11.85 3.89
N VAL A 122 7.20 -11.02 4.82
CA VAL A 122 6.28 -10.31 5.71
C VAL A 122 5.46 -9.29 4.91
N GLN A 123 6.08 -8.61 3.97
CA GLN A 123 5.29 -7.61 3.25
C GLN A 123 4.21 -8.23 2.37
N SER A 124 4.23 -9.54 2.16
CA SER A 124 3.20 -10.17 1.34
C SER A 124 1.95 -10.57 2.14
N GLY A 125 2.00 -10.43 3.45
CA GLY A 125 0.80 -10.55 4.27
C GLY A 125 0.47 -11.97 4.70
N ILE A 126 -0.71 -12.09 5.31
CA ILE A 126 -1.12 -13.35 5.94
C ILE A 126 -1.45 -14.38 4.86
N LYS A 127 -0.88 -15.56 5.00
CA LYS A 127 -1.20 -16.68 4.13
C LYS A 127 -1.84 -17.86 4.85
N VAL A 128 -1.53 -18.07 6.12
CA VAL A 128 -2.10 -19.21 6.83
C VAL A 128 -3.53 -18.90 7.24
N ARG A 129 -4.32 -19.96 7.42
CA ARG A 129 -5.73 -19.83 7.81
C ARG A 129 -5.84 -19.85 9.33
N LEU A 130 -6.35 -18.75 9.89
CA LEU A 130 -6.50 -18.56 11.33
C LEU A 130 -7.97 -18.38 11.68
N GLN A 131 -8.27 -18.57 12.98
CA GLN A 131 -9.63 -18.40 13.48
C GLN A 131 -9.60 -17.72 14.84
N LEU A 132 -10.39 -16.67 14.99
CA LEU A 132 -10.66 -16.12 16.31
C LEU A 132 -11.71 -16.99 16.99
N TYR A 133 -11.46 -17.39 18.23
CA TYR A 133 -12.39 -18.31 18.90
C TYR A 133 -12.38 -18.04 20.39
N ARG A 134 -13.47 -18.45 21.05
CA ARG A 134 -13.63 -18.25 22.48
C ARG A 134 -12.95 -19.39 23.23
N THR A 135 -11.94 -19.05 24.03
CA THR A 135 -11.22 -20.07 24.77
C THR A 135 -12.01 -20.45 26.03
N ALA A 136 -11.55 -21.50 26.70
CA ALA A 136 -12.20 -21.93 27.93
C ALA A 136 -11.98 -20.92 29.06
N LYS A 137 -10.76 -20.38 29.19
CA LYS A 137 -10.41 -19.60 30.37
C LYS A 137 -9.72 -18.26 30.08
N MET A 138 -9.38 -17.94 28.83
CA MET A 138 -8.59 -16.75 28.55
C MET A 138 -9.33 -15.72 27.70
N GLY A 139 -10.66 -15.80 27.61
CA GLY A 139 -11.36 -14.89 26.73
C GLY A 139 -11.17 -15.31 25.28
N TRP A 140 -10.95 -14.34 24.40
CA TRP A 140 -10.77 -14.69 22.99
C TRP A 140 -9.35 -15.15 22.74
N GLY A 141 -9.18 -16.04 21.76
CA GLY A 141 -7.86 -16.48 21.34
C GLY A 141 -7.82 -16.72 19.84
N VAL A 142 -6.63 -17.06 19.33
CA VAL A 142 -6.42 -17.32 17.92
C VAL A 142 -5.89 -18.74 17.75
N ARG A 143 -6.49 -19.51 16.85
CA ARG A 143 -6.00 -20.86 16.58
C ARG A 143 -5.85 -21.10 15.08
N ALA A 144 -5.08 -22.13 14.76
CA ALA A 144 -4.78 -22.51 13.39
C ALA A 144 -5.88 -23.40 12.84
N LEU A 145 -6.29 -23.12 11.60
CA LEU A 145 -7.22 -23.99 10.89
C LEU A 145 -6.50 -24.95 9.96
N GLN A 146 -5.19 -25.07 10.08
CA GLN A 146 -4.38 -25.94 9.23
C GLN A 146 -3.07 -26.21 9.96
N THR A 147 -2.35 -27.22 9.50
CA THR A 147 -1.00 -27.44 10.01
C THR A 147 -0.10 -26.33 9.50
N ILE A 148 0.81 -25.86 10.36
CA ILE A 148 1.70 -24.76 10.00
C ILE A 148 3.15 -25.19 10.27
N PRO A 149 3.97 -25.33 9.25
CA PRO A 149 5.36 -25.75 9.46
C PRO A 149 6.15 -24.73 10.28
N GLN A 150 7.21 -25.23 10.93
CA GLN A 150 8.11 -24.34 11.66
C GLN A 150 8.69 -23.29 10.73
N GLY A 151 8.79 -22.05 11.22
CA GLY A 151 9.40 -20.98 10.47
C GLY A 151 8.46 -20.21 9.57
N THR A 152 7.15 -20.51 9.61
CA THR A 152 6.18 -19.86 8.74
C THR A 152 5.75 -18.52 9.32
N PHE A 153 5.66 -17.52 8.44
CA PHE A 153 5.11 -16.23 8.85
C PHE A 153 3.63 -16.36 9.16
N ILE A 154 3.21 -15.84 10.30
CA ILE A 154 1.83 -15.95 10.76
C ILE A 154 1.09 -14.64 10.53
N CYS A 155 1.49 -13.60 11.26
CA CYS A 155 0.88 -12.29 11.13
C CYS A 155 1.78 -11.28 11.82
N GLU A 156 1.47 -10.01 11.60
CA GLU A 156 2.16 -8.88 12.21
C GLU A 156 1.40 -8.42 13.45
N TYR A 157 2.14 -7.93 14.46
CA TYR A 157 1.50 -7.24 15.57
C TYR A 157 1.22 -5.81 15.17
N VAL A 158 -0.04 -5.49 14.91
CA VAL A 158 -0.43 -4.21 14.33
C VAL A 158 -1.22 -3.40 15.36
N GLY A 159 -0.96 -2.11 15.41
CA GLY A 159 -1.71 -1.28 16.33
C GLY A 159 -1.36 0.18 16.18
N GLU A 160 -1.61 0.93 17.24
CA GLU A 160 -1.37 2.36 17.27
C GLU A 160 0.06 2.62 17.76
N LEU A 161 0.85 3.31 16.94
CA LEU A 161 2.20 3.67 17.37
C LEU A 161 2.12 4.79 18.39
N ILE A 162 2.70 4.60 19.58
CA ILE A 162 2.66 5.63 20.61
C ILE A 162 4.04 5.78 21.22
N SER A 163 4.26 6.95 21.81
CA SER A 163 5.51 7.28 22.44
C SER A 163 5.60 6.63 23.82
N ASP A 164 6.82 6.63 24.35
CA ASP A 164 7.10 6.23 25.73
C ASP A 164 6.21 6.98 26.72
N ALA A 165 6.16 8.31 26.61
CA ALA A 165 5.38 9.10 27.55
C ALA A 165 3.89 8.83 27.41
N GLU A 166 3.42 8.60 26.18
CA GLU A 166 2.00 8.28 26.02
C GLU A 166 1.67 6.92 26.62
N ALA A 167 2.56 5.92 26.45
CA ALA A 167 2.33 4.63 27.07
C ALA A 167 2.29 4.73 28.59
N ASP A 168 3.06 5.64 29.18
CA ASP A 168 3.04 5.82 30.64
C ASP A 168 1.72 6.39 31.13
N VAL A 169 1.01 7.13 30.26
CA VAL A 169 -0.25 7.74 30.65
C VAL A 169 -1.44 6.80 30.43
N ARG A 170 -1.28 5.76 29.63
CA ARG A 170 -2.37 4.85 29.33
C ARG A 170 -2.68 3.95 30.51
N GLU A 171 -3.97 3.69 30.73
CA GLU A 171 -4.38 2.92 31.89
C GLU A 171 -4.21 1.42 31.65
N ASP A 172 -4.64 0.93 30.49
CA ASP A 172 -4.68 -0.49 30.17
C ASP A 172 -3.52 -0.84 29.25
N ASP A 173 -2.61 -1.69 29.73
CA ASP A 173 -1.50 -2.17 28.90
C ASP A 173 -1.70 -3.62 28.47
N SER A 174 -2.94 -4.11 28.46
CA SER A 174 -3.24 -5.48 28.05
C SER A 174 -3.03 -5.73 26.56
N TYR A 175 -2.77 -4.68 25.77
CA TYR A 175 -2.53 -4.84 24.35
C TYR A 175 -1.30 -4.06 23.92
N LEU A 176 -0.37 -3.84 24.85
CA LEU A 176 0.75 -2.93 24.62
C LEU A 176 2.02 -3.74 24.35
N PHE A 177 2.58 -3.58 23.15
CA PHE A 177 3.79 -4.28 22.75
C PHE A 177 4.95 -3.29 22.76
N ASP A 178 6.00 -3.61 23.53
CA ASP A 178 7.14 -2.72 23.72
C ASP A 178 8.18 -3.01 22.63
N LEU A 179 8.48 -2.00 21.81
CA LEU A 179 9.44 -2.23 20.74
C LEU A 179 10.89 -2.30 21.25
N ASP A 180 11.14 -1.84 22.47
CA ASP A 180 12.45 -1.96 23.12
C ASP A 180 13.57 -1.31 22.32
N ASP A 183 18.57 1.31 23.23
CA ASP A 183 19.14 2.58 22.78
C ASP A 183 18.19 3.32 21.84
N GLY A 184 18.26 4.65 21.87
CA GLY A 184 17.36 5.48 21.08
C GLY A 184 16.03 5.72 21.78
N GLU A 185 15.16 6.45 21.08
CA GLU A 185 13.83 6.76 21.61
C GLU A 185 13.00 5.49 21.70
N VAL A 186 12.20 5.38 22.77
CA VAL A 186 11.36 4.21 22.99
C VAL A 186 9.97 4.47 22.41
N TYR A 187 9.46 3.51 21.65
CA TYR A 187 8.10 3.56 21.13
C TYR A 187 7.39 2.25 21.43
N CYS A 188 6.07 2.29 21.37
CA CYS A 188 5.23 1.13 21.64
C CYS A 188 4.13 1.03 20.60
N ILE A 189 3.63 -0.19 20.43
CA ILE A 189 2.46 -0.46 19.61
C ILE A 189 1.33 -0.80 20.57
N ASP A 190 0.29 0.03 20.63
CA ASP A 190 -0.86 -0.21 21.50
C ASP A 190 -2.02 -0.68 20.62
N ALA A 191 -2.44 -1.93 20.82
CA ALA A 191 -3.54 -2.49 20.06
C ALA A 191 -4.89 -2.45 20.79
N ARG A 192 -4.99 -1.67 21.88
CA ARG A 192 -6.24 -1.60 22.64
C ARG A 192 -7.38 -1.01 21.82
N TYR A 193 -7.12 0.12 21.17
CA TYR A 193 -8.15 0.85 20.44
C TYR A 193 -8.16 0.52 18.96
N TYR A 194 -6.98 0.31 18.37
CA TYR A 194 -6.78 -0.07 16.98
C TYR A 194 -5.84 -1.26 16.94
N GLY A 195 -6.24 -2.35 16.27
CA GLY A 195 -5.36 -3.52 16.18
C GLY A 195 -5.82 -4.50 15.11
N ASN A 196 -4.98 -5.51 14.84
CA ASN A 196 -5.41 -6.57 13.94
C ASN A 196 -5.61 -7.86 14.74
N ILE A 197 -5.54 -9.01 14.06
CA ILE A 197 -5.85 -10.29 14.69
C ILE A 197 -4.86 -10.59 15.82
N SER A 198 -3.64 -10.05 15.73
CA SER A 198 -2.63 -10.33 16.75
CA SER A 198 -2.62 -10.30 16.75
C SER A 198 -3.01 -9.79 18.13
N ARG A 199 -3.93 -8.82 18.22
CA ARG A 199 -4.31 -8.33 19.53
C ARG A 199 -5.02 -9.40 20.35
N PHE A 200 -5.42 -10.49 19.70
CA PHE A 200 -6.15 -11.55 20.35
C PHE A 200 -5.28 -12.75 20.67
N ILE A 201 -3.99 -12.70 20.36
CA ILE A 201 -3.07 -13.81 20.66
C ILE A 201 -2.72 -13.80 22.14
N ASN A 202 -2.97 -14.91 22.82
CA ASN A 202 -2.75 -15.01 24.25
C ASN A 202 -1.31 -15.39 24.57
N HIS A 203 -0.95 -15.22 25.84
CA HIS A 203 0.35 -15.62 26.33
C HIS A 203 0.41 -17.13 26.57
N LEU A 204 1.51 -17.75 26.14
CA LEU A 204 1.81 -19.12 26.51
C LEU A 204 3.21 -19.21 27.11
N CYS A 205 3.34 -19.91 28.24
CA CYS A 205 4.66 -20.16 28.81
C CYS A 205 5.46 -21.16 27.97
N ASP A 206 4.79 -21.98 27.14
CA ASP A 206 5.45 -22.80 26.14
C ASP A 206 5.04 -22.33 24.75
N PRO A 207 5.57 -21.20 24.26
CA PRO A 207 5.01 -20.58 23.07
C PRO A 207 5.27 -21.37 21.80
N ASN A 208 4.46 -21.12 20.78
CA ASN A 208 4.69 -21.72 19.47
C ASN A 208 4.92 -20.69 18.37
N ILE A 209 4.97 -19.40 18.71
CA ILE A 209 5.35 -18.34 17.77
C ILE A 209 6.30 -17.39 18.47
N ILE A 210 7.14 -16.71 17.69
CA ILE A 210 8.13 -15.78 18.22
C ILE A 210 8.04 -14.45 17.46
N PRO A 211 8.14 -13.31 18.16
CA PRO A 211 8.15 -12.02 17.45
C PRO A 211 9.54 -11.71 16.91
N VAL A 212 9.55 -11.14 15.70
CA VAL A 212 10.77 -10.78 15.00
C VAL A 212 10.64 -9.35 14.50
N ARG A 213 11.70 -8.56 14.66
CA ARG A 213 11.70 -7.17 14.21
C ARG A 213 12.07 -7.12 12.74
N VAL A 214 11.25 -6.43 11.94
CA VAL A 214 11.45 -6.40 10.49
C VAL A 214 11.36 -4.99 9.96
N PHE A 215 12.13 -4.72 8.91
CA PHE A 215 12.01 -3.48 8.15
C PHE A 215 11.68 -3.80 6.71
N MET A 216 10.78 -3.00 6.15
CA MET A 216 10.24 -3.20 4.81
C MET A 216 10.30 -1.89 4.03
N LEU A 217 9.21 -1.12 4.05
CA LEU A 217 9.12 0.04 3.17
C LEU A 217 9.87 1.26 3.69
N HIS A 218 10.25 1.28 4.97
CA HIS A 218 11.11 2.32 5.52
C HIS A 218 12.18 1.66 6.38
N GLN A 219 13.23 2.43 6.69
CA GLN A 219 14.29 1.86 7.52
C GLN A 219 14.56 2.77 8.71
N ASP A 220 13.50 3.39 9.23
CA ASP A 220 13.62 4.17 10.44
C ASP A 220 13.77 3.20 11.61
N LEU A 221 14.98 3.12 12.16
CA LEU A 221 15.27 2.09 13.16
C LEU A 221 14.52 2.28 14.46
N ARG A 222 13.85 3.42 14.66
CA ARG A 222 13.01 3.58 15.84
C ARG A 222 11.74 2.75 15.76
N PHE A 223 11.34 2.32 14.55
CA PHE A 223 10.01 1.77 14.31
C PHE A 223 10.09 0.44 13.57
N PRO A 224 10.72 -0.58 14.16
CA PRO A 224 10.61 -1.91 13.58
C PRO A 224 9.16 -2.36 13.58
N ARG A 225 8.83 -3.20 12.62
CA ARG A 225 7.52 -3.85 12.61
C ARG A 225 7.71 -5.25 13.21
N ILE A 226 6.67 -5.75 13.84
CA ILE A 226 6.79 -6.99 14.61
C ILE A 226 6.10 -8.10 13.85
N ALA A 227 6.85 -9.09 13.45
CA ALA A 227 6.32 -10.21 12.68
C ALA A 227 6.40 -11.46 13.54
N PHE A 228 5.31 -12.21 13.60
CA PHE A 228 5.28 -13.49 14.31
C PHE A 228 5.53 -14.61 13.33
N PHE A 229 6.52 -15.46 13.64
CA PHE A 229 6.81 -16.70 12.92
C PHE A 229 6.60 -17.87 13.87
N SER A 230 6.14 -19.00 13.34
CA SER A 230 6.03 -20.21 14.15
C SER A 230 7.41 -20.66 14.61
N SER A 231 7.52 -21.02 15.89
CA SER A 231 8.80 -21.49 16.41
C SER A 231 8.94 -23.01 16.35
N ARG A 232 7.90 -23.70 15.87
CA ARG A 232 7.89 -25.15 15.73
C ARG A 232 6.70 -25.50 14.84
N ASP A 233 6.60 -26.77 14.47
CA ASP A 233 5.44 -27.24 13.72
C ASP A 233 4.18 -27.08 14.57
N ILE A 234 3.14 -26.50 13.98
CA ILE A 234 1.88 -26.24 14.66
C ILE A 234 0.81 -27.14 14.06
N ARG A 235 0.10 -27.86 14.92
CA ARG A 235 -0.95 -28.78 14.49
C ARG A 235 -2.25 -28.02 14.22
N THR A 236 -3.09 -28.59 13.36
CA THR A 236 -4.41 -28.02 13.11
C THR A 236 -5.19 -27.94 14.42
N GLY A 237 -5.83 -26.80 14.66
CA GLY A 237 -6.62 -26.60 15.85
C GLY A 237 -5.85 -26.05 17.04
N GLU A 238 -4.53 -25.92 16.93
CA GLU A 238 -3.72 -25.50 18.05
C GLU A 238 -3.81 -23.99 18.27
N GLU A 239 -3.91 -23.58 19.54
CA GLU A 239 -3.94 -22.16 19.86
C GLU A 239 -2.55 -21.56 19.69
N LEU A 240 -2.51 -20.38 19.08
CA LEU A 240 -1.27 -19.64 18.90
C LEU A 240 -0.99 -18.80 20.13
N GLY A 241 0.26 -18.76 20.54
CA GLY A 241 0.63 -17.84 21.60
C GLY A 241 2.12 -17.58 21.63
N PHE A 242 2.48 -16.42 22.16
CA PHE A 242 3.88 -16.11 22.38
C PHE A 242 4.13 -15.81 23.86
N ASP A 243 5.41 -15.80 24.23
CA ASP A 243 5.82 -15.47 25.59
C ASP A 243 5.81 -13.96 25.74
N TYR A 244 4.81 -13.45 26.46
CA TYR A 244 4.72 -12.01 26.69
C TYR A 244 5.97 -11.45 27.37
N GLY A 245 6.66 -12.27 28.15
CA GLY A 245 7.88 -11.88 28.81
C GLY A 245 7.68 -11.55 30.28
N ASP A 246 8.75 -11.75 31.06
CA ASP A 246 8.66 -11.59 32.51
C ASP A 246 8.32 -10.16 32.90
N ARG A 247 8.73 -9.18 32.09
CA ARG A 247 8.46 -7.79 32.42
C ARG A 247 6.96 -7.51 32.44
N PHE A 248 6.25 -7.91 31.37
CA PHE A 248 4.79 -7.77 31.34
C PHE A 248 4.14 -8.34 32.58
N TRP A 249 4.55 -9.54 32.99
CA TRP A 249 3.86 -10.19 34.11
C TRP A 249 4.14 -9.48 35.42
N ASP A 250 5.34 -8.90 35.57
CA ASP A 250 5.66 -8.13 36.77
C ASP A 250 4.82 -6.85 36.82
N ILE A 251 4.75 -6.13 35.71
CA ILE A 251 3.99 -4.89 35.64
C ILE A 251 2.65 -5.14 34.96
N PHE A 256 -4.64 -10.65 36.77
CA PHE A 256 -4.91 -12.03 36.40
C PHE A 256 -3.69 -12.96 36.53
N THR A 257 -3.95 -14.27 36.63
CA THR A 257 -2.92 -15.30 36.65
C THR A 257 -2.98 -16.10 35.35
N CYS A 258 -1.90 -16.83 35.06
CA CYS A 258 -1.81 -17.56 33.79
C CYS A 258 -2.65 -18.82 33.80
N GLN A 259 -3.32 -19.06 32.66
CA GLN A 259 -4.16 -20.24 32.46
C GLN A 259 -3.63 -21.14 31.35
N CYS A 260 -2.33 -21.05 31.04
CA CYS A 260 -1.81 -21.76 29.86
C CYS A 260 -1.79 -23.26 30.07
N GLY A 261 -1.69 -23.73 31.31
CA GLY A 261 -1.82 -25.14 31.60
C GLY A 261 -0.57 -25.96 31.34
N SER A 262 0.51 -25.35 30.87
CA SER A 262 1.73 -26.10 30.64
C SER A 262 2.33 -26.60 31.94
N GLU A 263 3.02 -27.74 31.85
CA GLU A 263 3.80 -28.21 32.99
C GLU A 263 4.93 -27.25 33.31
N LYS A 264 5.31 -26.39 32.35
CA LYS A 264 6.36 -25.41 32.55
C LYS A 264 5.80 -24.01 32.78
N CYS A 265 4.51 -23.88 33.06
CA CYS A 265 3.91 -22.58 33.30
C CYS A 265 4.55 -21.94 34.53
N LYS A 266 5.05 -20.71 34.37
CA LYS A 266 5.73 -20.04 35.47
C LYS A 266 4.99 -18.77 35.92
N HIS A 267 3.73 -18.61 35.53
CA HIS A 267 2.93 -17.47 35.90
C HIS A 267 1.55 -17.87 36.45
N SER A 268 1.35 -19.14 36.79
CA SER A 268 0.06 -19.58 37.30
C SER A 268 -0.17 -19.06 38.70
N ALA A 269 -1.43 -19.12 39.14
CA ALA A 269 -1.73 -18.85 40.54
C ALA A 269 -0.87 -19.71 41.45
N GLU A 270 -0.80 -21.02 41.15
CA GLU A 270 0.05 -21.92 41.94
C GLU A 270 1.51 -21.51 41.86
N ALA A 271 2.01 -21.15 40.68
CA ALA A 271 3.40 -20.72 40.54
C ALA A 271 3.68 -19.47 41.36
N ILE A 272 2.77 -18.50 41.33
CA ILE A 272 2.97 -17.24 42.02
C ILE A 272 2.97 -17.46 43.53
N ALA A 273 2.13 -18.39 44.01
CA ALA A 273 2.07 -18.67 45.44
C ALA A 273 3.34 -19.39 45.92
N LEU A 274 3.91 -20.25 45.08
CA LEU A 274 5.10 -21.02 45.46
C LEU A 274 6.33 -20.12 45.60
N ARG B 7 10.08 -3.75 -40.86
CA ARG B 7 10.41 -3.85 -39.44
C ARG B 7 9.34 -4.64 -38.67
N THR B 8 9.76 -5.33 -37.61
CA THR B 8 8.89 -6.20 -36.84
C THR B 8 8.81 -5.72 -35.39
N GLU B 9 7.62 -5.83 -34.80
CA GLU B 9 7.44 -5.49 -33.39
C GLU B 9 8.26 -6.43 -32.51
N LYS B 10 8.87 -5.87 -31.46
CA LYS B 10 9.81 -6.61 -30.64
C LYS B 10 9.52 -6.37 -29.16
N ILE B 11 9.03 -7.41 -28.47
CA ILE B 11 8.84 -7.36 -27.02
C ILE B 11 10.20 -7.23 -26.36
N ILE B 12 10.43 -6.14 -25.64
CA ILE B 12 11.72 -5.87 -25.04
C ILE B 12 11.67 -5.83 -23.52
N CYS B 13 10.50 -5.99 -22.92
CA CYS B 13 10.40 -6.14 -21.47
C CYS B 13 9.04 -6.75 -21.16
N ARG B 14 9.02 -7.82 -20.36
CA ARG B 14 7.76 -8.48 -20.02
C ARG B 14 6.93 -7.63 -19.06
N ASP B 15 7.56 -6.85 -18.21
CA ASP B 15 6.82 -6.05 -17.23
C ASP B 15 7.74 -4.93 -16.75
N VAL B 16 7.48 -3.70 -17.22
CA VAL B 16 8.29 -2.58 -16.75
C VAL B 16 8.05 -2.26 -15.29
N ALA B 17 6.97 -2.79 -14.70
CA ALA B 17 6.67 -2.57 -13.28
C ALA B 17 7.31 -3.61 -12.36
N ARG B 18 8.05 -4.59 -12.91
CA ARG B 18 8.76 -5.58 -12.08
C ARG B 18 7.84 -6.25 -11.07
N GLY B 19 6.59 -6.48 -11.45
CA GLY B 19 5.65 -7.17 -10.59
C GLY B 19 4.94 -6.31 -9.56
N TYR B 20 5.08 -4.99 -9.64
CA TYR B 20 4.53 -4.12 -8.62
C TYR B 20 3.05 -3.77 -8.83
N GLU B 21 2.52 -3.93 -10.04
CA GLU B 21 1.12 -3.65 -10.31
C GLU B 21 0.29 -4.93 -10.31
N ASN B 22 -1.04 -4.78 -10.34
CA ASN B 22 -1.92 -5.95 -10.40
C ASN B 22 -1.71 -6.74 -11.68
N VAL B 23 -1.33 -6.07 -12.76
CA VAL B 23 -1.14 -6.73 -14.05
C VAL B 23 0.23 -6.33 -14.59
N PRO B 24 0.84 -7.17 -15.43
CA PRO B 24 2.11 -6.76 -16.05
C PRO B 24 1.88 -5.66 -17.07
N ILE B 25 2.91 -4.84 -17.28
CA ILE B 25 2.88 -3.80 -18.30
C ILE B 25 4.07 -4.00 -19.24
N PRO B 26 3.89 -4.76 -20.32
CA PRO B 26 5.01 -5.03 -21.22
C PRO B 26 5.38 -3.79 -22.02
N CYS B 27 6.58 -3.86 -22.60
CA CYS B 27 7.09 -2.82 -23.49
C CYS B 27 7.50 -3.44 -24.82
N VAL B 28 7.11 -2.80 -25.93
CA VAL B 28 7.51 -3.22 -27.27
C VAL B 28 7.98 -2.02 -28.06
N ASN B 29 8.79 -2.28 -29.08
CA ASN B 29 9.25 -1.22 -29.97
C ASN B 29 9.29 -1.79 -31.38
N GLY B 30 8.33 -1.42 -32.21
CA GLY B 30 8.32 -1.84 -33.59
C GLY B 30 8.63 -0.68 -34.53
N VAL B 31 9.29 0.36 -34.01
CA VAL B 31 9.48 1.62 -34.71
C VAL B 31 10.95 1.92 -34.96
N ASP B 32 11.78 1.84 -33.92
CA ASP B 32 13.19 2.23 -34.08
C ASP B 32 14.07 1.35 -33.20
N GLY B 33 15.31 1.79 -32.99
CA GLY B 33 16.27 1.03 -32.22
C GLY B 33 16.38 1.43 -30.76
N GLU B 34 15.48 2.24 -30.26
CA GLU B 34 15.59 2.72 -28.88
C GLU B 34 15.37 1.57 -27.90
N PRO B 35 16.27 1.33 -26.96
CA PRO B 35 16.05 0.26 -25.98
C PRO B 35 15.03 0.68 -24.92
N CYS B 36 14.59 -0.32 -24.17
CA CYS B 36 13.61 -0.11 -23.12
C CYS B 36 14.10 0.97 -22.16
N PRO B 37 13.28 1.96 -21.82
CA PRO B 37 13.78 3.10 -21.04
C PRO B 37 14.17 2.68 -19.63
N GLU B 38 15.33 3.18 -19.20
CA GLU B 38 15.88 2.81 -17.89
C GLU B 38 16.51 4.00 -17.19
N ASP B 39 16.24 5.24 -17.62
CA ASP B 39 16.77 6.43 -16.98
CA ASP B 39 16.77 6.43 -16.98
C ASP B 39 15.85 6.95 -15.89
N TYR B 40 15.14 6.06 -15.20
CA TYR B 40 14.23 6.43 -14.13
C TYR B 40 14.03 5.21 -13.26
N LYS B 41 13.48 5.42 -12.07
CA LYS B 41 13.17 4.33 -11.16
C LYS B 41 11.66 4.12 -11.13
N TYR B 42 11.21 2.92 -11.53
CA TYR B 42 9.77 2.64 -11.49
C TYR B 42 9.33 2.46 -10.04
N ILE B 43 8.29 3.19 -9.64
CA ILE B 43 7.65 3.01 -8.34
C ILE B 43 6.15 2.94 -8.56
N SER B 44 5.47 2.17 -7.72
CA SER B 44 4.04 2.02 -7.88
C SER B 44 3.24 2.99 -7.01
N GLU B 45 3.86 3.59 -5.99
CA GLU B 45 3.21 4.59 -5.17
C GLU B 45 4.12 5.81 -5.01
N ASN B 46 3.50 6.96 -4.71
CA ASN B 46 4.26 8.18 -4.58
C ASN B 46 5.35 8.04 -3.53
N CYS B 47 6.48 8.70 -3.77
CA CYS B 47 7.59 8.71 -2.84
C CYS B 47 7.91 10.14 -2.44
N GLU B 48 8.69 10.29 -1.38
CA GLU B 48 9.14 11.61 -0.97
C GLU B 48 10.65 11.59 -0.81
N THR B 49 11.27 12.73 -1.12
CA THR B 49 12.71 12.90 -1.02
C THR B 49 13.09 14.06 -0.10
N SER B 50 12.13 14.60 0.65
CA SER B 50 12.37 15.60 1.68
C SER B 50 11.30 15.43 2.75
N THR B 51 11.41 16.20 3.83
CA THR B 51 10.42 16.13 4.90
C THR B 51 9.09 16.71 4.43
N MET B 52 8.05 15.89 4.42
CA MET B 52 6.70 16.31 4.04
C MET B 52 5.67 16.15 5.15
N ASN B 53 5.80 15.13 6.00
CA ASN B 53 4.85 14.83 7.08
C ASN B 53 3.41 14.87 6.59
N ILE B 54 3.11 14.02 5.61
CA ILE B 54 1.72 13.80 5.24
C ILE B 54 0.94 13.47 6.51
N ASP B 55 -0.18 14.16 6.71
CA ASP B 55 -1.00 13.93 7.90
C ASP B 55 -1.73 12.60 7.73
N ARG B 56 -1.31 11.58 8.49
CA ARG B 56 -1.93 10.27 8.44
C ARG B 56 -2.61 9.92 9.77
N ASN B 57 -3.01 10.93 10.54
CA ASN B 57 -3.65 10.69 11.84
C ASN B 57 -5.01 10.04 11.60
N ILE B 58 -5.14 8.78 11.99
CA ILE B 58 -6.39 8.06 11.69
C ILE B 58 -7.59 8.74 12.34
N THR B 59 -7.40 9.46 13.44
CA THR B 59 -8.54 10.15 14.04
C THR B 59 -8.91 11.43 13.30
N HIS B 60 -8.04 11.92 12.41
CA HIS B 60 -8.35 13.08 11.58
C HIS B 60 -9.18 12.73 10.34
N LEU B 61 -9.40 11.45 10.07
CA LEU B 61 -10.05 11.05 8.82
C LEU B 61 -11.56 11.19 8.93
N GLN B 62 -12.17 11.85 7.94
CA GLN B 62 -13.61 11.73 7.80
C GLN B 62 -13.95 10.36 7.22
N HIS B 63 -14.99 9.74 7.75
CA HIS B 63 -15.26 8.35 7.40
C HIS B 63 -16.75 8.08 7.56
N CYS B 64 -17.18 6.95 7.02
CA CYS B 64 -18.60 6.61 7.03
C CYS B 64 -18.87 5.48 8.00
N THR B 65 -20.16 5.31 8.34
CA THR B 65 -20.62 4.28 9.25
C THR B 65 -21.38 3.16 8.55
N CYS B 66 -21.36 3.14 7.22
CA CYS B 66 -22.11 2.17 6.43
C CYS B 66 -21.81 0.73 6.84
N VAL B 67 -22.87 -0.07 6.90
CA VAL B 67 -22.77 -1.51 7.08
C VAL B 67 -23.26 -2.28 5.86
N ASP B 68 -23.48 -1.59 4.74
CA ASP B 68 -23.73 -2.21 3.46
C ASP B 68 -22.47 -2.04 2.61
N ASP B 69 -22.63 -2.00 1.27
CA ASP B 69 -21.52 -1.82 0.36
C ASP B 69 -21.30 -0.36 -0.05
N CYS B 70 -21.83 0.59 0.74
CA CYS B 70 -21.69 2.02 0.47
C CYS B 70 -22.28 2.40 -0.89
N SER B 71 -23.32 1.70 -1.32
CA SER B 71 -24.01 2.09 -2.54
C SER B 71 -25.12 3.10 -2.28
N SER B 72 -25.39 3.44 -1.02
CA SER B 72 -26.49 4.35 -0.73
C SER B 72 -26.00 5.79 -0.62
N SER B 73 -26.93 6.72 -0.85
CA SER B 73 -26.63 8.15 -0.76
C SER B 73 -26.38 8.61 0.66
N ASN B 74 -26.61 7.75 1.66
CA ASN B 74 -26.34 8.07 3.06
C ASN B 74 -24.87 7.92 3.42
N CYS B 75 -24.06 7.33 2.54
CA CYS B 75 -22.62 7.18 2.82
C CYS B 75 -21.97 8.54 2.95
N LEU B 76 -21.29 8.77 4.07
CA LEU B 76 -20.69 10.10 4.28
C LEU B 76 -19.60 10.37 3.26
N CYS B 77 -18.80 9.36 2.93
CA CYS B 77 -17.69 9.58 2.01
C CYS B 77 -18.20 10.00 0.64
N GLY B 78 -19.34 9.43 0.23
CA GLY B 78 -19.96 9.87 -1.02
C GLY B 78 -20.48 11.30 -0.94
N GLN B 79 -21.04 11.68 0.22
CA GLN B 79 -21.56 13.03 0.39
C GLN B 79 -20.45 14.08 0.37
N LEU B 80 -19.25 13.73 0.85
CA LEU B 80 -18.11 14.64 0.74
C LEU B 80 -17.74 14.89 -0.72
N SER B 81 -17.99 13.88 -1.57
CA SER B 81 -17.81 13.98 -3.01
C SER B 81 -19.06 14.55 -3.71
N ILE B 82 -19.97 15.17 -2.95
CA ILE B 82 -21.34 15.55 -3.35
C ILE B 82 -22.20 14.30 -3.44
N ARG B 83 -21.79 13.34 -4.28
CA ARG B 83 -22.32 11.99 -4.30
C ARG B 83 -21.15 11.06 -4.64
N CYS B 84 -21.34 9.77 -4.47
CA CYS B 84 -20.38 8.82 -5.03
C CYS B 84 -20.54 8.82 -6.56
N TRP B 85 -19.43 8.98 -7.28
CA TRP B 85 -19.50 9.11 -8.73
C TRP B 85 -19.18 7.80 -9.45
N TYR B 86 -19.11 6.70 -8.72
CA TYR B 86 -18.84 5.38 -9.28
C TYR B 86 -20.14 4.62 -9.46
N ASP B 87 -20.37 4.05 -10.63
CA ASP B 87 -21.50 3.17 -10.81
C ASP B 87 -21.21 1.80 -10.20
N LYS B 88 -22.10 0.83 -10.40
CA LYS B 88 -21.95 -0.46 -9.73
C LYS B 88 -20.75 -1.26 -10.25
N ASP B 89 -20.27 -0.97 -11.45
CA ASP B 89 -19.10 -1.62 -12.02
C ASP B 89 -17.81 -0.86 -11.72
N GLY B 90 -17.86 0.16 -10.89
CA GLY B 90 -16.68 0.92 -10.55
C GLY B 90 -16.26 1.96 -11.55
N ARG B 91 -17.16 2.37 -12.45
CA ARG B 91 -16.87 3.35 -13.47
C ARG B 91 -17.43 4.72 -13.11
N LEU B 92 -16.68 5.74 -13.50
CA LEU B 92 -17.04 7.13 -13.23
C LEU B 92 -18.27 7.51 -14.03
N LEU B 93 -19.25 8.13 -13.36
CA LEU B 93 -20.52 8.44 -14.01
C LEU B 93 -20.36 9.50 -15.09
N GLN B 94 -21.15 9.38 -16.16
CA GLN B 94 -21.08 10.35 -17.25
C GLN B 94 -21.40 11.76 -16.77
N GLU B 95 -22.27 11.88 -15.76
CA GLU B 95 -22.67 13.18 -15.21
C GLU B 95 -21.54 13.87 -14.47
N PHE B 96 -20.42 13.19 -14.19
CA PHE B 96 -19.28 13.84 -13.57
C PHE B 96 -18.88 15.08 -14.37
N ASN B 97 -18.71 16.20 -13.66
CA ASN B 97 -18.46 17.49 -14.30
C ASN B 97 -16.95 17.67 -14.46
N LYS B 98 -16.49 17.72 -15.71
CA LYS B 98 -15.06 17.89 -15.98
C LYS B 98 -14.61 19.34 -15.84
N ILE B 99 -15.51 20.30 -16.05
CA ILE B 99 -15.13 21.70 -15.97
C ILE B 99 -14.83 22.10 -14.53
N GLU B 100 -15.63 21.61 -13.58
CA GLU B 100 -15.44 21.90 -12.16
C GLU B 100 -15.61 20.61 -11.36
N PRO B 101 -14.63 19.71 -11.43
CA PRO B 101 -14.76 18.43 -10.72
C PRO B 101 -14.67 18.61 -9.22
N PRO B 102 -15.50 17.91 -8.46
CA PRO B 102 -15.28 17.85 -7.02
C PRO B 102 -14.15 16.87 -6.72
N LEU B 103 -13.50 17.10 -5.60
CA LEU B 103 -12.58 16.11 -5.06
C LEU B 103 -13.34 14.83 -4.75
N ILE B 104 -12.73 13.69 -5.08
CA ILE B 104 -13.29 12.39 -4.72
C ILE B 104 -12.68 11.92 -3.41
N PHE B 105 -13.54 11.54 -2.47
CA PHE B 105 -13.12 10.94 -1.21
C PHE B 105 -13.54 9.48 -1.21
N GLU B 106 -12.58 8.58 -1.35
CA GLU B 106 -12.89 7.17 -1.28
C GLU B 106 -12.97 6.76 0.20
N CYS B 107 -13.55 5.59 0.45
CA CYS B 107 -13.57 5.07 1.81
C CYS B 107 -12.15 4.66 2.23
N ASN B 108 -11.96 4.50 3.54
CA ASN B 108 -10.61 4.44 4.07
C ASN B 108 -10.60 3.53 5.30
N GLN B 109 -9.44 3.46 5.96
CA GLN B 109 -9.28 2.50 7.05
C GLN B 109 -10.09 2.86 8.28
N ALA B 110 -10.64 4.07 8.35
CA ALA B 110 -11.48 4.47 9.48
C ALA B 110 -12.96 4.17 9.25
N CYS B 111 -13.37 3.96 8.00
CA CYS B 111 -14.76 3.62 7.72
C CYS B 111 -15.12 2.26 8.29
N SER B 112 -16.40 2.09 8.61
CA SER B 112 -16.84 0.79 9.11
C SER B 112 -17.13 -0.21 7.99
N CYS B 113 -17.11 0.23 6.72
CA CYS B 113 -17.44 -0.66 5.61
C CYS B 113 -16.29 -1.64 5.34
N TRP B 114 -16.57 -2.60 4.46
CA TRP B 114 -15.59 -3.60 4.05
C TRP B 114 -14.67 -3.07 2.96
N ARG B 115 -13.51 -3.72 2.83
CA ARG B 115 -12.49 -3.31 1.85
C ARG B 115 -12.97 -3.45 0.41
N ASN B 116 -14.05 -4.18 0.17
CA ASN B 116 -14.58 -4.35 -1.17
C ASN B 116 -15.88 -3.57 -1.39
N CYS B 117 -16.09 -2.48 -0.64
CA CYS B 117 -17.24 -1.64 -0.86
C CYS B 117 -17.13 -0.92 -2.21
N LYS B 118 -18.23 -0.28 -2.63
CA LYS B 118 -18.33 0.35 -3.94
C LYS B 118 -17.55 1.66 -4.07
N ASN B 119 -16.96 2.17 -2.99
CA ASN B 119 -16.29 3.47 -3.06
C ASN B 119 -14.78 3.35 -2.88
N ARG B 120 -14.15 2.38 -3.58
CA ARG B 120 -12.71 2.14 -3.41
C ARG B 120 -12.02 1.83 -4.75
N VAL B 121 -12.46 2.44 -5.83
CA VAL B 121 -11.97 2.07 -7.15
C VAL B 121 -10.48 2.35 -7.30
N VAL B 122 -10.05 3.57 -6.97
CA VAL B 122 -8.67 3.95 -7.23
C VAL B 122 -7.70 3.18 -6.33
N GLN B 123 -8.04 2.99 -5.06
CA GLN B 123 -7.11 2.29 -4.17
C GLN B 123 -6.94 0.83 -4.54
N SER B 124 -7.82 0.27 -5.37
CA SER B 124 -7.69 -1.12 -5.79
C SER B 124 -6.74 -1.29 -6.98
N GLY B 125 -6.23 -0.21 -7.55
CA GLY B 125 -5.13 -0.28 -8.51
C GLY B 125 -5.53 -0.62 -9.93
N ILE B 126 -4.51 -0.87 -10.75
CA ILE B 126 -4.69 -1.06 -12.19
C ILE B 126 -5.37 -2.39 -12.47
N LYS B 127 -6.41 -2.37 -13.31
CA LYS B 127 -7.07 -3.57 -13.78
C LYS B 127 -7.04 -3.77 -15.30
N VAL B 128 -6.76 -2.73 -16.08
CA VAL B 128 -6.80 -2.87 -17.53
C VAL B 128 -5.41 -3.27 -18.02
N ARG B 129 -5.38 -3.91 -19.19
CA ARG B 129 -4.13 -4.30 -19.84
C ARG B 129 -3.59 -3.12 -20.65
N LEU B 130 -2.43 -2.62 -20.27
CA LEU B 130 -1.74 -1.53 -20.93
C LEU B 130 -0.43 -2.02 -21.53
N GLN B 131 0.14 -1.19 -22.40
CA GLN B 131 1.41 -1.56 -23.02
C GLN B 131 2.22 -0.29 -23.26
N LEU B 132 3.48 -0.32 -22.84
CA LEU B 132 4.42 0.74 -23.19
C LEU B 132 4.95 0.45 -24.58
N TYR B 133 4.87 1.44 -25.48
CA TYR B 133 5.27 1.17 -26.87
C TYR B 133 5.92 2.41 -27.48
N ARG B 134 6.66 2.18 -28.55
CA ARG B 134 7.33 3.27 -29.26
C ARG B 134 6.37 3.89 -30.26
N THR B 135 6.06 5.17 -30.08
CA THR B 135 5.23 5.88 -31.03
C THR B 135 6.06 6.33 -32.24
N ALA B 136 5.36 6.74 -33.28
CA ALA B 136 6.03 7.21 -34.49
C ALA B 136 6.72 8.56 -34.30
N LYS B 137 6.13 9.49 -33.52
CA LYS B 137 6.64 10.85 -33.48
C LYS B 137 6.76 11.47 -32.10
N MET B 138 6.42 10.75 -31.03
CA MET B 138 6.40 11.33 -29.69
C MET B 138 7.29 10.60 -28.70
N GLY B 139 8.11 9.67 -29.15
CA GLY B 139 8.88 8.84 -28.23
C GLY B 139 8.07 7.67 -27.68
N TRP B 140 8.25 7.36 -26.40
CA TRP B 140 7.46 6.29 -25.79
C TRP B 140 6.04 6.76 -25.50
N GLY B 141 5.11 5.80 -25.49
CA GLY B 141 3.71 6.08 -25.26
C GLY B 141 3.05 4.89 -24.59
N VAL B 142 1.78 5.06 -24.21
CA VAL B 142 1.04 3.98 -23.56
C VAL B 142 -0.22 3.72 -24.38
N ARG B 143 -0.48 2.46 -24.69
CA ARG B 143 -1.73 2.11 -25.38
C ARG B 143 -2.45 0.97 -24.67
N ALA B 144 -3.73 0.86 -25.00
CA ALA B 144 -4.59 -0.19 -24.45
C ALA B 144 -4.42 -1.48 -25.22
N LEU B 145 -4.37 -2.59 -24.49
CA LEU B 145 -4.40 -3.93 -25.07
C LEU B 145 -5.79 -4.55 -25.01
N GLN B 146 -6.80 -3.76 -24.65
CA GLN B 146 -8.17 -4.22 -24.58
C GLN B 146 -9.10 -3.05 -24.87
N THR B 147 -10.36 -3.38 -25.13
CA THR B 147 -11.42 -2.40 -25.09
C THR B 147 -11.58 -1.86 -23.67
N ILE B 148 -11.71 -0.55 -23.55
CA ILE B 148 -11.89 0.10 -22.25
C ILE B 148 -13.16 0.95 -22.28
N PRO B 149 -14.23 0.54 -21.60
CA PRO B 149 -15.44 1.37 -21.56
C PRO B 149 -15.18 2.74 -20.95
N GLN B 150 -16.03 3.70 -21.32
CA GLN B 150 -15.96 5.04 -20.74
C GLN B 150 -16.09 5.00 -19.23
N GLY B 151 -15.29 5.84 -18.56
CA GLY B 151 -15.36 5.97 -17.12
C GLY B 151 -14.52 4.97 -16.35
N THR B 152 -13.73 4.15 -17.03
CA THR B 152 -12.95 3.11 -16.37
C THR B 152 -11.69 3.72 -15.77
N PHE B 153 -11.35 3.31 -14.56
CA PHE B 153 -10.09 3.74 -13.96
C PHE B 153 -8.92 3.13 -14.72
N ILE B 154 -7.93 3.94 -15.07
CA ILE B 154 -6.80 3.47 -15.85
C ILE B 154 -5.54 3.30 -14.98
N CYS B 155 -5.02 4.39 -14.44
CA CYS B 155 -3.84 4.33 -13.59
C CYS B 155 -3.71 5.66 -12.85
N GLU B 156 -2.82 5.69 -11.88
CA GLU B 156 -2.52 6.89 -11.11
C GLU B 156 -1.26 7.58 -11.64
N TYR B 157 -1.21 8.92 -11.56
CA TYR B 157 0.04 9.63 -11.86
C TYR B 157 0.92 9.58 -10.63
N VAL B 158 1.97 8.77 -10.68
CA VAL B 158 2.79 8.47 -9.51
C VAL B 158 4.16 9.07 -9.71
N GLY B 159 4.72 9.65 -8.65
CA GLY B 159 6.09 10.12 -8.73
C GLY B 159 6.59 10.67 -7.42
N GLU B 160 7.55 11.58 -7.52
CA GLU B 160 8.21 12.20 -6.37
C GLU B 160 7.39 13.42 -5.94
N LEU B 161 6.94 13.44 -4.69
CA LEU B 161 6.26 14.62 -4.17
C LEU B 161 7.27 15.73 -3.89
N ILE B 162 7.07 16.90 -4.47
CA ILE B 162 7.97 18.03 -4.26
C ILE B 162 7.16 19.31 -4.06
N SER B 163 7.80 20.27 -3.42
CA SER B 163 7.15 21.53 -3.11
C SER B 163 7.18 22.48 -4.30
N ASP B 164 6.36 23.52 -4.21
CA ASP B 164 6.37 24.61 -5.17
C ASP B 164 7.79 25.10 -5.42
N ALA B 165 8.49 25.46 -4.34
CA ALA B 165 9.83 26.04 -4.48
C ALA B 165 10.79 25.06 -5.16
N GLU B 166 10.68 23.77 -4.84
CA GLU B 166 11.54 22.78 -5.47
C GLU B 166 11.25 22.67 -6.96
N ALA B 167 9.98 22.78 -7.35
CA ALA B 167 9.62 22.70 -8.75
C ALA B 167 10.19 23.89 -9.55
N ASP B 168 10.28 25.06 -8.91
CA ASP B 168 10.95 26.18 -9.56
C ASP B 168 12.42 25.87 -9.83
N VAL B 169 13.06 25.13 -8.93
CA VAL B 169 14.48 24.82 -9.08
C VAL B 169 14.72 23.74 -10.12
N ARG B 170 13.74 22.86 -10.34
CA ARG B 170 13.95 21.72 -11.23
C ARG B 170 14.17 22.18 -12.67
N GLU B 171 15.19 21.62 -13.29
CA GLU B 171 15.52 22.01 -14.67
C GLU B 171 14.59 21.38 -15.71
N ASP B 172 14.12 20.16 -15.48
CA ASP B 172 13.34 19.42 -16.47
C ASP B 172 11.93 19.20 -15.93
N ASP B 173 10.94 19.85 -16.55
CA ASP B 173 9.55 19.67 -16.13
C ASP B 173 8.74 18.89 -17.17
N SER B 174 9.40 18.11 -18.02
CA SER B 174 8.71 17.21 -18.94
C SER B 174 7.88 16.14 -18.22
N TYR B 175 8.05 15.96 -16.90
CA TYR B 175 7.31 14.94 -16.16
C TYR B 175 6.64 15.52 -14.91
N LEU B 176 6.37 16.82 -14.90
CA LEU B 176 5.94 17.52 -13.70
C LEU B 176 4.44 17.79 -13.76
N PHE B 177 3.70 17.23 -12.80
CA PHE B 177 2.25 17.38 -12.73
C PHE B 177 1.91 18.34 -11.60
N ASP B 178 1.17 19.39 -11.92
CA ASP B 178 0.80 20.43 -10.95
C ASP B 178 -0.49 20.02 -10.25
N LEU B 179 -0.39 19.65 -8.96
CA LEU B 179 -1.60 19.34 -8.21
C LEU B 179 -2.49 20.57 -8.05
N ASP B 180 -1.91 21.75 -7.95
CA ASP B 180 -2.64 23.03 -7.80
C ASP B 180 -3.50 23.03 -6.54
N GLU B 185 0.21 26.29 0.36
CA GLU B 185 1.27 26.15 -0.63
C GLU B 185 0.83 25.22 -1.76
N VAL B 186 1.62 25.19 -2.83
CA VAL B 186 1.34 24.35 -4.00
C VAL B 186 2.35 23.21 -4.04
N TYR B 187 1.87 21.98 -4.21
CA TYR B 187 2.74 20.82 -4.34
C TYR B 187 2.55 20.19 -5.71
N CYS B 188 3.58 19.47 -6.16
CA CYS B 188 3.56 18.83 -7.46
C CYS B 188 4.11 17.42 -7.33
N ILE B 189 3.89 16.64 -8.39
CA ILE B 189 4.45 15.32 -8.53
C ILE B 189 5.44 15.38 -9.69
N ASP B 190 6.71 15.07 -9.44
CA ASP B 190 7.74 15.02 -10.48
C ASP B 190 8.04 13.56 -10.77
N ALA B 191 7.70 13.09 -11.96
CA ALA B 191 7.98 11.71 -12.32
C ALA B 191 9.27 11.56 -13.14
N ARG B 192 10.13 12.58 -13.14
CA ARG B 192 11.36 12.51 -13.93
C ARG B 192 12.27 11.38 -13.45
N TYR B 193 12.51 11.29 -12.14
CA TYR B 193 13.46 10.32 -11.60
C TYR B 193 12.81 9.09 -11.04
N TYR B 194 11.61 9.25 -10.46
CA TYR B 194 10.80 8.17 -9.91
C TYR B 194 9.41 8.31 -10.49
N GLY B 195 8.88 7.25 -11.09
CA GLY B 195 7.53 7.35 -11.64
C GLY B 195 6.98 5.98 -11.96
N ASN B 196 5.69 5.94 -12.32
CA ASN B 196 5.05 4.71 -12.76
C ASN B 196 4.73 4.82 -14.27
N ILE B 197 3.83 3.96 -14.76
CA ILE B 197 3.55 3.92 -16.19
C ILE B 197 3.01 5.24 -16.72
N SER B 198 2.42 6.05 -15.84
CA SER B 198 1.81 7.32 -16.24
C SER B 198 2.81 8.34 -16.75
N ARG B 199 4.08 8.22 -16.38
CA ARG B 199 5.09 9.16 -16.86
C ARG B 199 5.29 9.06 -18.38
N PHE B 200 4.77 8.01 -19.01
CA PHE B 200 4.92 7.79 -20.44
C PHE B 200 3.68 8.18 -21.24
N ILE B 201 2.63 8.68 -20.59
CA ILE B 201 1.40 9.06 -21.27
C ILE B 201 1.58 10.41 -21.94
N ASN B 202 1.35 10.47 -23.26
CA ASN B 202 1.62 11.69 -24.01
C ASN B 202 0.43 12.65 -23.96
N HIS B 203 0.68 13.87 -24.42
CA HIS B 203 -0.37 14.86 -24.61
C HIS B 203 -1.15 14.57 -25.88
N LEU B 204 -2.48 14.67 -25.78
CA LEU B 204 -3.36 14.65 -26.94
C LEU B 204 -4.28 15.86 -26.89
N CYS B 205 -4.41 16.57 -28.01
CA CYS B 205 -5.38 17.66 -28.07
C CYS B 205 -6.81 17.13 -28.14
N ASP B 206 -7.00 15.86 -28.51
CA ASP B 206 -8.29 15.18 -28.44
C ASP B 206 -8.14 14.02 -27.46
N PRO B 207 -8.09 14.32 -26.16
CA PRO B 207 -7.70 13.30 -25.19
C PRO B 207 -8.78 12.25 -24.98
N ASN B 208 -8.36 11.08 -24.49
CA ASN B 208 -9.33 10.06 -24.15
C ASN B 208 -9.28 9.66 -22.68
N ILE B 209 -8.43 10.29 -21.87
CA ILE B 209 -8.47 10.10 -20.42
C ILE B 209 -8.45 11.48 -19.76
N ILE B 210 -8.95 11.54 -18.52
CA ILE B 210 -8.94 12.78 -17.76
C ILE B 210 -8.39 12.54 -16.36
N PRO B 211 -7.60 13.46 -15.82
CA PRO B 211 -7.13 13.33 -14.44
C PRO B 211 -8.19 13.82 -13.46
N VAL B 212 -8.31 13.10 -12.35
CA VAL B 212 -9.24 13.41 -11.28
C VAL B 212 -8.49 13.38 -9.96
N ARG B 213 -8.75 14.36 -9.10
CA ARG B 213 -8.13 14.41 -7.77
C ARG B 213 -8.89 13.51 -6.80
N VAL B 214 -8.16 12.67 -6.05
CA VAL B 214 -8.76 11.68 -5.16
C VAL B 214 -8.03 11.62 -3.83
N PHE B 215 -8.80 11.35 -2.76
CA PHE B 215 -8.25 11.06 -1.44
C PHE B 215 -8.65 9.66 -1.02
N MET B 216 -7.71 8.94 -0.44
CA MET B 216 -7.93 7.55 -0.05
C MET B 216 -7.50 7.34 1.40
N LEU B 217 -6.25 6.95 1.63
CA LEU B 217 -5.85 6.54 2.97
C LEU B 217 -5.41 7.71 3.85
N HIS B 218 -5.33 8.92 3.29
CA HIS B 218 -5.13 10.12 4.07
C HIS B 218 -5.99 11.21 3.45
N GLN B 219 -6.22 12.26 4.21
CA GLN B 219 -7.00 13.39 3.71
C GLN B 219 -6.22 14.68 3.90
N ASP B 220 -4.91 14.62 3.70
CA ASP B 220 -4.05 15.78 3.80
C ASP B 220 -4.21 16.57 2.50
N LEU B 221 -4.85 17.74 2.58
CA LEU B 221 -5.27 18.46 1.39
C LEU B 221 -4.10 18.99 0.57
N ARG B 222 -2.87 18.97 1.09
CA ARG B 222 -1.73 19.33 0.24
C ARG B 222 -1.44 18.27 -0.83
N PHE B 223 -1.95 17.05 -0.67
CA PHE B 223 -1.53 15.91 -1.49
C PHE B 223 -2.72 15.12 -2.05
N PRO B 224 -3.54 15.74 -2.89
CA PRO B 224 -4.49 14.93 -3.67
C PRO B 224 -3.69 13.96 -4.53
N ARG B 225 -4.25 12.78 -4.74
CA ARG B 225 -3.65 11.85 -5.71
C ARG B 225 -4.37 11.99 -7.04
N ILE B 226 -3.64 11.75 -8.12
CA ILE B 226 -4.18 12.00 -9.46
C ILE B 226 -4.54 10.66 -10.09
N ALA B 227 -5.82 10.47 -10.37
CA ALA B 227 -6.30 9.24 -11.00
C ALA B 227 -6.78 9.56 -12.41
N PHE B 228 -6.36 8.75 -13.38
CA PHE B 228 -6.82 8.89 -14.76
C PHE B 228 -7.98 7.94 -15.02
N PHE B 229 -9.08 8.49 -15.56
CA PHE B 229 -10.24 7.73 -16.00
C PHE B 229 -10.46 7.98 -17.49
N SER B 230 -10.91 6.95 -18.20
CA SER B 230 -11.24 7.13 -19.61
C SER B 230 -12.43 8.07 -19.77
N SER B 231 -12.35 8.98 -20.74
CA SER B 231 -13.45 9.90 -20.96
C SER B 231 -14.36 9.46 -22.10
N ARG B 232 -14.04 8.34 -22.73
CA ARG B 232 -14.87 7.77 -23.79
CA ARG B 232 -14.90 7.75 -23.75
C ARG B 232 -14.45 6.30 -23.92
N ASP B 233 -15.25 5.55 -24.69
CA ASP B 233 -14.88 4.16 -24.98
C ASP B 233 -13.56 4.15 -25.75
N ILE B 234 -12.64 3.28 -25.34
CA ILE B 234 -11.31 3.21 -25.95
C ILE B 234 -11.15 1.84 -26.61
N ARG B 235 -10.67 1.83 -27.86
CA ARG B 235 -10.48 0.60 -28.60
C ARG B 235 -9.12 -0.01 -28.32
N THR B 236 -9.01 -1.32 -28.54
CA THR B 236 -7.72 -1.99 -28.42
C THR B 236 -6.72 -1.38 -29.39
N GLY B 237 -5.49 -1.17 -28.91
CA GLY B 237 -4.45 -0.55 -29.70
C GLY B 237 -4.41 0.97 -29.64
N GLU B 238 -5.45 1.61 -29.14
CA GLU B 238 -5.53 3.06 -29.15
C GLU B 238 -4.60 3.68 -28.11
N GLU B 239 -3.82 4.69 -28.53
CA GLU B 239 -2.95 5.38 -27.58
C GLU B 239 -3.75 6.18 -26.56
N LEU B 240 -3.34 6.07 -25.30
CA LEU B 240 -3.92 6.87 -24.23
C LEU B 240 -3.23 8.23 -24.13
N GLY B 241 -4.02 9.27 -23.92
CA GLY B 241 -3.40 10.55 -23.63
C GLY B 241 -4.37 11.50 -23.00
N PHE B 242 -3.83 12.46 -22.26
CA PHE B 242 -4.64 13.51 -21.67
C PHE B 242 -4.16 14.88 -22.15
N ASP B 243 -4.98 15.90 -21.91
CA ASP B 243 -4.61 17.27 -22.28
C ASP B 243 -3.73 17.82 -21.17
N TYR B 244 -2.45 18.07 -21.48
CA TYR B 244 -1.51 18.61 -20.51
C TYR B 244 -1.91 20.01 -20.04
N GLY B 245 -2.67 20.73 -20.84
CA GLY B 245 -3.12 22.07 -20.48
C GLY B 245 -2.29 23.17 -21.14
N ASP B 246 -2.93 24.33 -21.33
CA ASP B 246 -2.27 25.46 -21.97
C ASP B 246 -1.03 25.93 -21.19
N ARG B 247 -1.04 25.82 -19.86
CA ARG B 247 0.08 26.34 -19.08
C ARG B 247 1.36 25.58 -19.38
N PHE B 248 1.30 24.24 -19.38
CA PHE B 248 2.45 23.45 -19.76
C PHE B 248 2.97 23.87 -21.13
N TRP B 249 2.07 24.06 -22.09
CA TRP B 249 2.50 24.37 -23.45
C TRP B 249 3.04 25.78 -23.55
N ASP B 250 2.58 26.69 -22.67
CA ASP B 250 3.14 28.03 -22.65
C ASP B 250 4.56 28.07 -22.13
N ILE B 251 5.05 26.97 -21.55
CA ILE B 251 6.46 26.88 -21.18
C ILE B 251 7.21 26.08 -22.22
N LYS B 252 6.56 25.07 -22.79
CA LYS B 252 7.24 24.03 -23.56
C LYS B 252 7.18 24.20 -25.08
N SER B 253 6.30 25.05 -25.60
CA SER B 253 6.21 25.15 -27.06
C SER B 253 7.40 25.89 -27.66
N LYS B 254 8.24 26.53 -26.84
CA LYS B 254 9.50 27.07 -27.33
C LYS B 254 10.54 25.99 -27.56
N TYR B 255 10.34 24.79 -27.02
CA TYR B 255 11.27 23.68 -27.18
C TYR B 255 10.80 22.70 -28.25
N PHE B 256 9.64 22.07 -28.04
CA PHE B 256 9.05 21.16 -29.01
C PHE B 256 7.60 21.57 -29.28
N THR B 257 7.04 21.03 -30.37
CA THR B 257 5.67 21.29 -30.77
C THR B 257 4.87 19.99 -30.81
N CYS B 258 3.55 20.12 -30.82
CA CYS B 258 2.68 18.96 -30.68
C CYS B 258 2.63 18.13 -31.96
N GLN B 259 2.73 16.82 -31.80
CA GLN B 259 2.69 15.86 -32.89
C GLN B 259 1.46 14.96 -32.82
N CYS B 260 0.40 15.38 -32.11
CA CYS B 260 -0.77 14.53 -31.95
C CYS B 260 -1.50 14.30 -33.26
N GLY B 261 -1.35 15.20 -34.23
CA GLY B 261 -1.91 15.02 -35.56
C GLY B 261 -3.40 15.20 -35.68
N SER B 262 -4.09 15.53 -34.58
CA SER B 262 -5.53 15.75 -34.62
C SER B 262 -5.88 16.97 -35.46
N GLU B 263 -7.04 16.90 -36.13
CA GLU B 263 -7.54 18.08 -36.83
C GLU B 263 -7.80 19.24 -35.87
N LYS B 264 -8.02 18.95 -34.59
CA LYS B 264 -8.25 19.97 -33.57
C LYS B 264 -6.98 20.37 -32.85
N CYS B 265 -5.80 20.04 -33.39
CA CYS B 265 -4.57 20.25 -32.65
C CYS B 265 -4.35 21.74 -32.42
N LYS B 266 -4.09 22.10 -31.17
CA LYS B 266 -3.96 23.49 -30.75
C LYS B 266 -2.52 23.92 -30.57
N HIS B 267 -1.56 23.00 -30.66
CA HIS B 267 -0.19 23.27 -30.24
C HIS B 267 0.83 22.84 -31.28
N SER B 268 0.40 22.54 -32.50
CA SER B 268 1.35 22.12 -33.53
C SER B 268 2.21 23.30 -33.97
N ALA B 269 3.29 22.98 -34.67
CA ALA B 269 4.09 24.02 -35.30
C ALA B 269 3.23 24.89 -36.20
N GLU B 270 2.33 24.28 -36.98
CA GLU B 270 1.48 25.04 -37.90
C GLU B 270 0.38 25.82 -37.17
N ALA B 271 -0.27 25.19 -36.18
CA ALA B 271 -1.31 25.90 -35.43
C ALA B 271 -0.76 27.17 -34.80
N ILE B 272 0.46 27.09 -34.25
CA ILE B 272 1.09 28.27 -33.67
C ILE B 272 1.33 29.31 -34.76
N ALA B 273 1.82 28.87 -35.93
CA ALA B 273 2.11 29.82 -37.01
C ALA B 273 0.82 30.46 -37.54
N LEU B 274 -0.27 29.68 -37.63
CA LEU B 274 -1.53 30.25 -38.10
C LEU B 274 -2.05 31.32 -37.14
N GLU B 275 -1.90 31.09 -35.83
CA GLU B 275 -2.32 32.10 -34.87
C GLU B 275 -1.45 33.34 -34.96
N GLN B 276 -0.14 33.15 -35.17
CA GLN B 276 0.76 34.30 -35.30
C GLN B 276 0.43 35.12 -36.54
N SER B 277 -0.03 34.47 -37.61
CA SER B 277 -0.36 35.21 -38.84
C SER B 277 -1.70 35.93 -38.72
N ARG B 278 -2.64 35.38 -37.93
CA ARG B 278 -3.87 36.12 -37.64
C ARG B 278 -3.58 37.35 -36.80
N LEU B 279 -2.73 37.21 -35.78
CA LEU B 279 -2.35 38.35 -34.95
C LEU B 279 -1.68 39.45 -35.78
N ALA B 280 -0.84 39.07 -36.74
CA ALA B 280 -0.23 40.06 -37.62
C ALA B 280 -1.28 40.77 -38.46
N ARG B 281 -2.15 40.00 -39.11
CA ARG B 281 -3.23 40.56 -39.92
C ARG B 281 -4.28 41.22 -39.05
ZN ZN C . 16.79 -5.72 -1.83
ZN ZN D . 14.90 -8.53 -3.52
ZN ZN E . 18.69 -8.42 -3.50
ZN ZN F . 1.59 -20.19 31.90
N SFG G . -7.78 -12.85 25.55
CA SFG G . -7.76 -11.44 25.13
C SFG G . -9.15 -11.01 24.74
O SFG G . -10.13 -11.78 24.95
OXT SFG G . -9.30 -9.87 24.22
CB SFG G . -6.74 -11.25 23.98
CG SFG G . -5.30 -11.23 24.50
CD SFG G . -4.92 -9.88 25.14
NE SFG G . -3.92 -9.21 24.33
C5' SFG G . -4.28 -10.06 26.52
C4' SFG G . -5.33 -10.38 27.58
O4' SFG G . -5.81 -11.72 27.41
C3' SFG G . -4.76 -10.31 28.99
O3' SFG G . -5.07 -9.05 29.59
C2' SFG G . -5.51 -11.40 29.71
O2' SFG G . -6.78 -10.89 30.06
C1' SFG G . -5.77 -12.45 28.65
N9 SFG G . -4.67 -13.44 28.62
C8 SFG G . -3.71 -13.52 27.68
N7 SFG G . -2.90 -14.56 27.96
C5 SFG G . -3.37 -15.13 29.12
C6 SFG G . -2.97 -16.22 29.89
N6 SFG G . -1.89 -16.96 29.57
N1 SFG G . -3.69 -16.54 31.00
C2 SFG G . -4.76 -15.83 31.34
N3 SFG G . -5.18 -14.79 30.62
C4 SFG G . -4.49 -14.42 29.50
C12 A1L57 H . 4.65 -7.41 26.06
C13 A1L57 H . 3.39 -7.65 25.20
C14 A1L57 H . 2.13 -8.07 25.92
C15 A1L57 H . 1.02 -8.52 25.05
C16 A1L57 H . -0.33 -7.83 25.17
C17 A1L57 H . 0.55 -7.55 23.96
O10 A1L57 H . 6.47 -6.04 27.76
C18 A1L57 H . 5.90 -7.51 25.12
C22 A1L57 H . 8.45 -7.87 23.47
C23 A1L57 H . 9.52 -8.12 22.65
C24 A1L57 H . 9.96 -9.42 22.44
C26 A1L57 H . 10.95 -9.32 20.17
C27 A1L57 H . 11.17 -7.82 19.82
C01 A1L57 H . 6.92 2.13 28.10
C02 A1L57 H . 6.28 0.95 28.45
C03 A1L57 H . 5.22 0.97 29.40
C05 A1L57 H . 4.74 -1.50 29.24
C06 A1L57 H . 3.72 -2.22 28.61
C07 A1L57 H . 3.93 -3.48 28.06
C08 A1L57 H . 5.17 -4.12 28.09
C09 A1L57 H . 5.41 -5.46 27.51
C21 A1L57 H . 7.77 -8.91 24.14
C29 A1L57 H . 8.27 -10.20 23.88
C30 A1L57 H . 6.20 -3.39 28.72
C31 A1L57 H . 5.99 -2.14 29.26
C32 A1L57 H . 4.87 2.21 29.93
C33 A1L57 H . 5.57 3.35 29.52
N04 A1L57 H . 4.55 -0.22 29.78
N11 A1L57 H . 4.50 -6.08 26.66
N20 A1L57 H . 6.67 -8.67 24.96
N28 A1L57 H . 9.34 -10.48 23.07
N34 A1L57 H . 6.58 3.33 28.62
O19 A1L57 H . 6.16 -6.50 24.48
O25 A1L57 H . 11.05 -9.63 21.61
ZN ZN I . -16.47 5.43 3.84
ZN ZN J . -17.17 2.18 1.95
ZN ZN K . -20.01 4.30 3.24
ZN ZN L . -1.96 18.47 -30.73
N SFG M . 6.96 10.46 -24.71
CA SFG M . 7.65 10.61 -23.44
C SFG M . 8.84 9.69 -23.36
O SFG M . 9.17 9.03 -24.38
OXT SFG M . 9.46 9.60 -22.27
CB SFG M . 6.66 10.36 -22.29
CG SFG M . 5.77 11.59 -22.05
CD SFG M . 6.45 12.71 -21.25
NE SFG M . 5.78 12.82 -19.97
C5' SFG M . 6.36 14.09 -21.92
C4' SFG M . 7.31 14.25 -23.12
O4' SFG M . 6.87 13.42 -24.21
C3' SFG M . 7.33 15.66 -23.68
O3' SFG M . 8.36 16.45 -23.09
C2' SFG M . 7.65 15.42 -25.14
O2' SFG M . 9.02 15.05 -25.25
C1' SFG M . 6.84 14.18 -25.43
N9 SFG M . 5.43 14.46 -25.84
C8 SFG M . 4.34 14.23 -25.09
N7 SFG M . 3.24 14.57 -25.81
C5 SFG M . 3.67 15.01 -27.03
C6 SFG M . 3.03 15.49 -28.16
N6 SFG M . 1.69 15.59 -28.21
N1 SFG M . 3.78 15.88 -29.24
C2 SFG M . 5.11 15.77 -29.19
N3 SFG M . 5.76 15.31 -28.12
C4 SFG M . 5.06 14.92 -27.02
C12 A1L57 N . 0.83 19.46 -16.64
C13 A1L57 N . 1.28 17.99 -16.79
C14 A1L57 N . 2.38 17.74 -17.83
C15 A1L57 N . 2.73 16.31 -18.06
C16 A1L57 N . 4.19 15.90 -17.94
C17 A1L57 N . 3.19 15.46 -16.89
O10 A1L57 N . 0.87 22.17 -16.07
C18 A1L57 N . -0.45 19.46 -15.77
C22 A1L57 N . -3.21 19.42 -14.28
C23 A1L57 N . -4.45 19.26 -13.74
C24 A1L57 N . -5.53 18.91 -14.57
C26 A1L57 N . -6.79 18.22 -12.65
C27 A1L57 N . -8.15 17.59 -12.31
C01 A1L57 N . 4.45 24.92 -9.51
C02 A1L57 N . 4.61 24.58 -10.85
C03 A1L57 N . 5.78 24.95 -11.57
C05 A1L57 N . 4.99 23.83 -13.68
C06 A1L57 N . 5.28 22.57 -14.24
C07 A1L57 N . 4.29 21.83 -14.92
C08 A1L57 N . 2.98 22.29 -15.08
C09 A1L57 N . 1.89 21.56 -15.75
C21 A1L57 N . -2.98 19.26 -15.68
C29 A1L57 N . -4.13 18.89 -16.41
C30 A1L57 N . 2.72 23.54 -14.51
C31 A1L57 N . 3.68 24.28 -13.84
C32 A1L57 N . 6.73 25.68 -10.86
C33 A1L57 N . 6.49 25.97 -9.50
N04 A1L57 N . 5.94 24.61 -12.96
N11 A1L57 N . 1.92 20.18 -15.98
N20 A1L57 N . -1.75 19.36 -16.28
N28 A1L57 N . -5.37 18.72 -15.91
N34 A1L57 N . 5.36 25.61 -8.82
O19 A1L57 N . -0.27 19.54 -14.55
O25 A1L57 N . -6.76 18.75 -14.00
#